data_5MMX
#
_entry.id   5MMX
#
_cell.length_a   82.613
_cell.length_b   82.613
_cell.length_c   126.674
_cell.angle_alpha   90.00
_cell.angle_beta   90.00
_cell.angle_gamma   90.00
#
_symmetry.space_group_name_H-M   'P 4 21 2'
#
loop_
_entity.id
_entity.type
_entity.pdbx_description
1 polymer CSPYL1_ABA
2 non-polymer '(2Z,4E)-5-[(1S)-1-hydroxy-2,6,6-trimethyl-4-oxocyclohex-2-en-1-yl]-3-methylpenta-2,4-dienoic acid'
3 water water
#
_entity_poly.entity_id   1
_entity_poly.type   'polypeptide(L)'
_entity_poly.pdbx_seq_one_letter_code
;MDNNKAEADTSSSMADPETRPTYTTHHLAIPSGVTQDEFDELKQSVVEFHTYQLSQNQCSSLLAQRIRAPNDVVWSIVRR
FDQPQTYKHFIKSCSVSDNFTMAVGSTRDVNVISGLPAATSTERLDILDDDRQVTGFSIIGGEHRLRNYRSVTSVHGFNR
DGAICTVVLESYVVDVPEGNTEEDTRLFADTVVKLNLQKLVSVAESQVI
;
_entity_poly.pdbx_strand_id   B,A
#
loop_
_chem_comp.id
_chem_comp.type
_chem_comp.name
_chem_comp.formula
A8S non-polymer '(2Z,4E)-5-[(1S)-1-hydroxy-2,6,6-trimethyl-4-oxocyclohex-2-en-1-yl]-3-methylpenta-2,4-dienoic acid' 'C15 H20 O4'
#
# COMPACT_ATOMS: atom_id res chain seq x y z
N PRO A 21 22.76 -24.91 8.30
CA PRO A 21 22.06 -23.65 8.06
C PRO A 21 21.98 -22.75 9.28
N THR A 22 21.54 -21.51 9.07
CA THR A 22 21.41 -20.51 10.10
C THR A 22 19.90 -20.28 10.23
N TYR A 23 19.45 -19.93 11.42
CA TYR A 23 18.02 -19.75 11.66
C TYR A 23 17.74 -18.39 12.25
N THR A 24 16.50 -17.95 12.06
CA THR A 24 15.98 -16.68 12.54
C THR A 24 15.77 -16.67 14.05
N THR A 25 15.76 -15.45 14.58
CA THR A 25 15.61 -15.19 16.00
C THR A 25 14.56 -14.13 16.22
N HIS A 26 13.40 -14.29 15.57
CA HIS A 26 12.37 -13.26 15.66
C HIS A 26 11.78 -13.15 17.06
N HIS A 27 12.03 -14.15 17.91
CA HIS A 27 11.58 -14.14 19.29
C HIS A 27 12.37 -13.17 20.16
N LEU A 28 13.47 -12.60 19.66
CA LEU A 28 14.29 -11.71 20.48
C LEU A 28 13.95 -10.24 20.30
N ALA A 29 13.10 -9.88 19.34
CA ALA A 29 12.80 -8.49 19.07
C ALA A 29 11.30 -8.28 18.98
N ILE A 30 10.78 -7.42 19.85
CA ILE A 30 9.36 -7.11 19.87
C ILE A 30 9.08 -6.38 18.57
N PRO A 31 8.17 -6.86 17.72
CA PRO A 31 7.83 -6.07 16.53
C PRO A 31 7.00 -4.88 16.97
N SER A 32 7.03 -3.83 16.18
CA SER A 32 6.18 -2.68 16.47
C SER A 32 4.72 -3.09 16.42
N GLY A 33 3.91 -2.47 17.26
CA GLY A 33 2.50 -2.77 17.26
C GLY A 33 2.10 -3.80 18.27
N VAL A 34 3.05 -4.28 19.09
CA VAL A 34 2.78 -5.18 20.20
C VAL A 34 3.49 -4.68 21.45
N THR A 35 2.86 -4.92 22.61
CA THR A 35 3.41 -4.61 23.92
C THR A 35 4.36 -5.71 24.38
N GLN A 36 5.21 -5.39 25.37
CA GLN A 36 6.12 -6.40 25.88
C GLN A 36 5.35 -7.60 26.44
N ASP A 37 4.26 -7.35 27.19
CA ASP A 37 3.51 -8.46 27.80
C ASP A 37 2.72 -9.26 26.77
N GLU A 38 2.19 -8.61 25.73
CA GLU A 38 1.58 -9.37 24.66
C GLU A 38 2.60 -10.26 23.98
N PHE A 39 3.75 -9.70 23.64
CA PHE A 39 4.79 -10.45 22.96
C PHE A 39 5.30 -11.61 23.80
N ASP A 40 5.40 -11.42 25.11
CA ASP A 40 5.88 -12.49 25.97
C ASP A 40 5.01 -13.74 25.86
N GLU A 41 3.71 -13.56 25.71
CA GLU A 41 2.78 -14.69 25.53
C GLU A 41 2.89 -15.35 24.16
N LEU A 42 3.46 -14.67 23.16
CA LEU A 42 3.50 -15.17 21.79
C LEU A 42 4.82 -15.79 21.39
N LYS A 43 5.88 -15.61 22.19
CA LYS A 43 7.20 -16.10 21.83
C LYS A 43 7.16 -17.59 21.51
N GLN A 44 6.38 -18.37 22.26
CA GLN A 44 6.29 -19.80 21.98
C GLN A 44 5.73 -20.04 20.58
N SER A 45 4.73 -19.24 20.17
CA SER A 45 4.17 -19.37 18.82
C SER A 45 5.14 -18.95 17.73
N VAL A 46 5.98 -17.94 17.98
CA VAL A 46 6.95 -17.50 16.98
C VAL A 46 7.99 -18.59 16.70
N VAL A 47 8.52 -19.18 17.78
CA VAL A 47 9.47 -20.28 17.65
C VAL A 47 8.86 -21.47 16.91
N GLU A 48 7.62 -21.81 17.23
CA GLU A 48 7.06 -23.01 16.65
C GLU A 48 6.73 -22.80 15.16
N PHE A 49 6.25 -21.60 14.80
CA PHE A 49 5.74 -21.36 13.45
C PHE A 49 6.47 -20.29 12.66
N HIS A 50 7.22 -19.40 13.30
CA HIS A 50 7.83 -18.28 12.58
C HIS A 50 9.35 -18.36 12.58
N THR A 51 9.91 -19.57 12.47
CA THR A 51 11.35 -19.78 12.36
C THR A 51 11.66 -20.39 11.00
N TYR A 52 12.60 -19.78 10.28
CA TYR A 52 13.02 -20.22 8.94
C TYR A 52 14.52 -20.52 8.91
N GLN A 53 14.94 -21.40 8.00
CA GLN A 53 16.37 -21.47 7.63
C GLN A 53 16.80 -20.30 6.76
N LEU A 54 18.03 -19.86 6.95
CA LEU A 54 18.55 -18.65 6.31
C LEU A 54 19.84 -18.99 5.58
N SER A 55 19.83 -18.82 4.25
CA SER A 55 21.02 -18.89 3.43
C SER A 55 21.64 -17.51 3.37
N GLN A 56 22.84 -17.44 2.80
CA GLN A 56 23.52 -16.15 2.78
C GLN A 56 22.80 -15.13 1.91
N ASN A 57 22.00 -15.58 0.95
CA ASN A 57 21.26 -14.70 0.06
C ASN A 57 19.83 -14.48 0.50
N GLN A 58 19.48 -14.80 1.74
CA GLN A 58 18.11 -14.64 2.16
C GLN A 58 17.98 -13.66 3.32
N CYS A 59 16.76 -13.15 3.46
CA CYS A 59 16.37 -12.35 4.61
C CYS A 59 14.96 -12.74 5.04
N SER A 60 14.64 -12.40 6.28
CA SER A 60 13.38 -12.80 6.89
C SER A 60 12.99 -11.73 7.87
N SER A 61 11.67 -11.57 8.04
CA SER A 61 11.13 -10.54 8.92
C SER A 61 9.86 -11.08 9.56
N LEU A 62 9.51 -10.57 10.74
CA LEU A 62 8.25 -10.91 11.41
C LEU A 62 7.42 -9.66 11.67
N LEU A 63 6.17 -9.66 11.21
CA LEU A 63 5.32 -8.49 11.43
C LEU A 63 4.09 -8.88 12.28
N ALA A 64 3.54 -7.89 12.97
CA ALA A 64 2.38 -8.13 13.81
C ALA A 64 1.34 -7.06 13.61
N GLN A 65 0.07 -7.41 13.88
CA GLN A 65 -0.99 -6.43 13.75
C GLN A 65 -2.11 -6.80 14.70
N ARG A 66 -2.47 -5.87 15.59
CA ARG A 66 -3.60 -6.05 16.49
C ARG A 66 -4.91 -5.75 15.80
N ILE A 67 -5.92 -6.58 16.07
CA ILE A 67 -7.24 -6.47 15.41
C ILE A 67 -8.36 -6.61 16.44
N ARG A 68 -9.26 -5.64 16.47
CA ARG A 68 -10.39 -5.68 17.39
C ARG A 68 -11.50 -6.55 16.81
N ALA A 69 -11.27 -7.85 16.85
CA ALA A 69 -12.26 -8.80 16.33
C ALA A 69 -11.94 -10.16 16.92
N PRO A 70 -12.93 -11.04 17.01
CA PRO A 70 -12.67 -12.40 17.50
C PRO A 70 -11.70 -13.14 16.60
N ASN A 71 -10.84 -13.95 17.21
CA ASN A 71 -9.86 -14.68 16.42
C ASN A 71 -10.57 -15.66 15.50
N ASP A 72 -11.74 -16.17 15.89
CA ASP A 72 -12.50 -17.03 15.01
C ASP A 72 -12.96 -16.29 13.76
N VAL A 73 -13.27 -15.01 13.90
CA VAL A 73 -13.63 -14.21 12.75
C VAL A 73 -12.42 -14.00 11.84
N VAL A 74 -11.30 -13.60 12.46
CA VAL A 74 -10.04 -13.41 11.74
C VAL A 74 -9.55 -14.71 11.11
N TRP A 75 -9.58 -15.82 11.85
CA TRP A 75 -9.12 -17.07 11.28
C TRP A 75 -9.92 -17.44 10.05
N SER A 76 -11.23 -17.25 10.10
CA SER A 76 -12.07 -17.62 8.98
C SER A 76 -11.75 -16.81 7.73
N ILE A 77 -11.22 -15.60 7.89
CA ILE A 77 -10.85 -14.80 6.72
C ILE A 77 -9.52 -15.25 6.13
N VAL A 78 -8.48 -15.36 6.96
CA VAL A 78 -7.13 -15.62 6.46
C VAL A 78 -6.95 -17.07 6.05
N ARG A 79 -7.88 -17.91 6.47
CA ARG A 79 -7.87 -19.31 6.12
C ARG A 79 -8.21 -19.51 4.65
N ARG A 80 -8.87 -18.53 4.04
CA ARG A 80 -9.39 -18.65 2.68
C ARG A 80 -8.27 -18.62 1.64
N PHE A 81 -7.60 -19.76 1.46
CA PHE A 81 -6.45 -19.79 0.56
C PHE A 81 -6.84 -19.44 -0.85
N ASP A 82 -8.08 -19.73 -1.23
CA ASP A 82 -8.53 -19.44 -2.57
C ASP A 82 -8.95 -17.99 -2.79
N GLN A 83 -9.07 -17.18 -1.75
CA GLN A 83 -9.54 -15.80 -1.91
C GLN A 83 -8.64 -14.84 -1.14
N PRO A 84 -7.36 -14.78 -1.47
CA PRO A 84 -6.50 -13.84 -0.74
C PRO A 84 -6.87 -12.41 -1.02
N GLN A 85 -7.50 -12.13 -2.16
CA GLN A 85 -7.80 -10.75 -2.50
C GLN A 85 -8.78 -10.13 -1.53
N THR A 86 -9.51 -10.93 -0.76
CA THR A 86 -10.42 -10.37 0.23
C THR A 86 -9.64 -9.63 1.30
N TYR A 87 -8.41 -10.06 1.58
CA TYR A 87 -7.62 -9.42 2.62
C TYR A 87 -6.25 -8.93 2.16
N LYS A 88 -5.95 -8.93 0.85
CA LYS A 88 -4.70 -8.37 0.36
C LYS A 88 -4.92 -7.33 -0.74
N HIS A 89 -4.03 -6.34 -0.81
CA HIS A 89 -4.06 -5.37 -1.89
C HIS A 89 -3.32 -5.92 -3.10
N PHE A 90 -3.47 -5.21 -4.22
CA PHE A 90 -2.71 -5.46 -5.45
C PHE A 90 -2.95 -6.83 -6.02
N ILE A 91 -4.12 -7.42 -5.83
CA ILE A 91 -4.46 -8.68 -6.48
C ILE A 91 -5.70 -8.46 -7.33
N LYS A 92 -5.56 -8.62 -8.64
CA LYS A 92 -6.72 -8.43 -9.50
C LYS A 92 -7.65 -9.61 -9.36
N SER A 93 -7.08 -10.81 -9.37
CA SER A 93 -7.89 -11.99 -9.25
C SER A 93 -7.06 -13.16 -8.75
N CYS A 94 -7.76 -14.19 -8.29
CA CYS A 94 -7.11 -15.42 -7.83
C CYS A 94 -8.00 -16.58 -8.24
N SER A 95 -7.46 -17.49 -9.04
CA SER A 95 -8.15 -18.68 -9.49
C SER A 95 -7.43 -19.93 -8.97
N VAL A 96 -8.23 -20.97 -8.69
CA VAL A 96 -7.75 -22.32 -8.36
C VAL A 96 -8.44 -23.33 -9.25
N SER A 97 -7.90 -24.55 -9.27
CA SER A 97 -8.47 -25.53 -10.19
C SER A 97 -9.87 -25.87 -9.73
N ASP A 98 -10.65 -26.41 -10.67
CA ASP A 98 -12.02 -26.84 -10.39
C ASP A 98 -12.11 -27.98 -9.39
N ASN A 99 -10.99 -28.66 -9.11
CA ASN A 99 -10.95 -29.77 -8.15
C ASN A 99 -10.19 -29.40 -6.88
N PHE A 100 -10.12 -28.10 -6.61
CA PHE A 100 -9.37 -27.56 -5.49
C PHE A 100 -9.87 -28.15 -4.18
N THR A 101 -8.92 -28.59 -3.34
CA THR A 101 -9.24 -28.96 -1.97
C THR A 101 -8.44 -28.07 -1.03
N MET A 102 -9.04 -27.74 0.11
CA MET A 102 -8.35 -26.91 1.09
C MET A 102 -7.43 -27.88 1.84
N ALA A 103 -6.30 -28.15 1.23
CA ALA A 103 -5.43 -29.18 1.77
C ALA A 103 -4.00 -28.82 1.43
N VAL A 104 -3.08 -29.20 2.32
CA VAL A 104 -1.69 -28.96 2.04
C VAL A 104 -1.39 -29.50 0.65
N GLY A 105 -0.69 -28.70 -0.14
CA GLY A 105 -0.36 -29.06 -1.50
C GLY A 105 -1.20 -28.44 -2.59
N SER A 106 -2.42 -27.97 -2.29
CA SER A 106 -3.17 -27.32 -3.35
C SER A 106 -2.48 -26.00 -3.72
N THR A 107 -2.72 -25.52 -4.94
CA THR A 107 -2.08 -24.28 -5.38
C THR A 107 -3.10 -23.27 -5.91
N ARG A 108 -2.61 -22.04 -6.10
CA ARG A 108 -3.38 -20.94 -6.68
C ARG A 108 -2.49 -20.09 -7.61
N ASP A 109 -3.15 -19.46 -8.60
CA ASP A 109 -2.58 -18.54 -9.59
C ASP A 109 -3.07 -17.16 -9.28
N VAL A 110 -2.19 -16.28 -8.84
CA VAL A 110 -2.55 -14.94 -8.38
C VAL A 110 -2.26 -13.92 -9.47
N ASN A 111 -3.24 -13.16 -9.86
CA ASN A 111 -3.05 -12.10 -10.84
C ASN A 111 -2.84 -10.75 -10.15
N VAL A 112 -1.63 -10.25 -10.23
CA VAL A 112 -1.16 -9.10 -9.45
C VAL A 112 -1.35 -7.79 -10.19
N ILE A 113 -1.69 -6.74 -9.46
CA ILE A 113 -1.85 -5.40 -10.01
C ILE A 113 -0.52 -4.67 -9.90
N SER A 114 0.15 -4.42 -11.03
CA SER A 114 1.44 -3.76 -10.96
C SER A 114 1.73 -2.78 -12.10
N GLY A 115 0.90 -2.70 -13.12
CA GLY A 115 1.21 -1.93 -14.31
C GLY A 115 2.14 -2.61 -15.30
N LEU A 116 1.96 -3.92 -15.52
CA LEU A 116 2.77 -4.72 -16.48
C LEU A 116 2.08 -5.45 -17.69
N PRO A 117 0.83 -5.90 -17.58
CA PRO A 117 -0.15 -5.97 -16.51
C PRO A 117 -0.31 -7.37 -15.97
N ALA A 118 -1.54 -7.65 -15.54
CA ALA A 118 -2.02 -8.93 -15.02
C ALA A 118 -0.93 -9.99 -14.84
N ALA A 119 0.06 -9.73 -13.97
CA ALA A 119 1.17 -10.65 -13.70
C ALA A 119 0.69 -11.82 -12.83
N THR A 120 1.53 -12.86 -12.69
CA THR A 120 1.10 -14.11 -12.05
C THR A 120 2.20 -14.76 -11.23
N SER A 121 1.82 -15.10 -9.99
CA SER A 121 2.70 -15.80 -9.08
C SER A 121 1.92 -17.02 -8.60
N THR A 122 2.42 -18.22 -8.90
CA THR A 122 1.79 -19.46 -8.42
C THR A 122 2.30 -19.83 -7.05
N GLU A 123 1.35 -20.05 -6.13
CA GLU A 123 1.62 -20.23 -4.72
C GLU A 123 1.08 -21.56 -4.25
N ARG A 124 1.83 -22.23 -3.39
CA ARG A 124 1.41 -23.54 -2.89
C ARG A 124 1.09 -23.45 -1.41
N LEU A 125 -0.02 -24.04 -1.02
CA LEU A 125 -0.41 -24.09 0.38
C LEU A 125 0.45 -25.06 1.17
N ASP A 126 1.13 -24.55 2.18
CA ASP A 126 2.08 -25.36 2.94
C ASP A 126 1.52 -25.86 4.26
N ILE A 127 0.72 -25.04 4.95
CA ILE A 127 0.20 -25.37 6.27
C ILE A 127 -1.25 -24.91 6.37
N LEU A 128 -2.10 -25.79 6.93
CA LEU A 128 -3.49 -25.45 7.26
C LEU A 128 -3.95 -26.22 8.50
N ASP A 129 -3.73 -25.60 9.66
CA ASP A 129 -3.94 -26.24 10.96
C ASP A 129 -5.07 -25.46 11.66
N ASP A 130 -6.28 -26.03 11.62
CA ASP A 130 -7.46 -25.37 12.14
C ASP A 130 -7.50 -25.37 13.66
N ASP A 131 -6.73 -26.26 14.29
CA ASP A 131 -6.68 -26.32 15.73
C ASP A 131 -5.87 -25.17 16.32
N ARG A 132 -4.72 -24.85 15.70
CA ARG A 132 -3.87 -23.79 16.20
C ARG A 132 -4.10 -22.48 15.45
N GLN A 133 -4.90 -22.54 14.39
CA GLN A 133 -5.22 -21.42 13.51
C GLN A 133 -3.93 -20.82 12.91
N VAL A 134 -3.21 -21.67 12.18
CA VAL A 134 -1.99 -21.29 11.46
C VAL A 134 -2.06 -21.76 10.03
N THR A 135 -1.68 -20.89 9.10
CA THR A 135 -1.57 -21.22 7.69
C THR A 135 -0.30 -20.60 7.13
N GLY A 136 0.11 -21.12 5.99
CA GLY A 136 1.28 -20.58 5.33
C GLY A 136 1.37 -21.07 3.91
N PHE A 137 2.15 -20.34 3.12
CA PHE A 137 2.32 -20.68 1.72
C PHE A 137 3.72 -20.30 1.26
N SER A 138 4.11 -20.88 0.13
CA SER A 138 5.35 -20.56 -0.57
C SER A 138 5.04 -20.31 -2.03
N ILE A 139 5.77 -19.36 -2.63
CA ILE A 139 5.67 -19.06 -4.05
C ILE A 139 6.60 -19.98 -4.82
N ILE A 140 6.02 -20.78 -5.72
CA ILE A 140 6.75 -21.82 -6.45
C ILE A 140 6.97 -21.49 -7.92
N GLY A 141 6.28 -20.50 -8.47
CA GLY A 141 6.55 -20.03 -9.81
C GLY A 141 5.97 -18.65 -9.97
N GLY A 142 6.59 -17.86 -10.84
CA GLY A 142 6.02 -16.58 -11.22
C GLY A 142 7.04 -15.75 -11.98
N GLU A 143 6.59 -14.56 -12.37
CA GLU A 143 7.45 -13.62 -13.06
C GLU A 143 7.69 -12.42 -12.16
N HIS A 144 8.78 -12.48 -11.40
CA HIS A 144 9.08 -11.46 -10.38
C HIS A 144 10.48 -11.70 -9.81
N ARG A 145 10.81 -10.89 -8.81
CA ARG A 145 12.09 -10.95 -8.11
C ARG A 145 11.90 -11.36 -6.65
N LEU A 146 10.82 -12.05 -6.33
CA LEU A 146 10.64 -12.54 -4.97
C LEU A 146 10.69 -14.06 -5.06
N ARG A 147 11.87 -14.56 -5.41
CA ARG A 147 12.11 -15.97 -5.58
C ARG A 147 12.16 -16.65 -4.23
N ASN A 148 11.53 -17.82 -4.16
CA ASN A 148 11.49 -18.64 -2.95
C ASN A 148 10.85 -17.92 -1.77
N TYR A 149 9.88 -17.06 -2.04
CA TYR A 149 9.10 -16.47 -0.97
C TYR A 149 8.32 -17.54 -0.22
N ARG A 150 8.43 -17.51 1.11
CA ARG A 150 7.69 -18.40 2.01
C ARG A 150 7.14 -17.61 3.18
N SER A 151 5.88 -17.83 3.52
CA SER A 151 5.23 -17.00 4.52
C SER A 151 4.38 -17.87 5.44
N VAL A 152 4.25 -17.44 6.70
CA VAL A 152 3.42 -18.14 7.68
C VAL A 152 2.60 -17.10 8.42
N THR A 153 1.32 -17.38 8.59
CA THR A 153 0.41 -16.54 9.36
C THR A 153 -0.24 -17.35 10.47
N SER A 154 -0.23 -16.80 11.69
CA SER A 154 -0.86 -17.45 12.82
C SER A 154 -1.81 -16.46 13.47
N VAL A 155 -2.90 -16.99 14.03
CA VAL A 155 -3.97 -16.17 14.59
C VAL A 155 -4.02 -16.46 16.07
N HIS A 156 -4.17 -15.40 16.86
CA HIS A 156 -4.04 -15.50 18.30
C HIS A 156 -5.10 -14.69 19.00
N GLY A 157 -5.91 -15.40 19.77
CA GLY A 157 -6.97 -14.79 20.53
C GLY A 157 -6.47 -14.51 21.93
N PHE A 158 -6.85 -13.34 22.42
CA PHE A 158 -6.52 -12.81 23.73
C PHE A 158 -7.83 -12.33 24.30
N ASN A 159 -8.11 -12.58 25.56
CA ASN A 159 -9.35 -12.00 25.98
C ASN A 159 -8.75 -10.62 26.17
N ARG A 160 -9.21 -9.66 25.36
CA ARG A 160 -8.61 -8.35 25.42
C ARG A 160 -9.59 -7.22 25.66
N ASP A 161 -10.20 -7.34 26.80
CA ASP A 161 -11.07 -6.32 27.31
C ASP A 161 -12.04 -5.64 26.32
N GLY A 162 -12.82 -6.41 25.56
CA GLY A 162 -13.87 -5.84 24.72
C GLY A 162 -13.85 -6.43 23.36
N ALA A 163 -12.84 -7.23 23.23
CA ALA A 163 -12.58 -7.97 22.08
C ALA A 163 -12.28 -9.39 22.58
N ILE A 164 -12.46 -10.39 21.75
CA ILE A 164 -11.30 -11.24 21.69
C ILE A 164 -10.63 -10.25 20.83
N CYS A 165 -9.44 -9.86 21.23
CA CYS A 165 -8.65 -9.01 20.37
C CYS A 165 -7.56 -9.94 19.92
N THR A 166 -7.37 -9.95 18.63
CA THR A 166 -6.48 -10.84 17.95
C THR A 166 -5.23 -10.11 17.52
N VAL A 167 -4.12 -10.79 17.70
CA VAL A 167 -2.87 -10.39 17.09
C VAL A 167 -2.60 -11.41 16.01
N VAL A 168 -2.34 -10.91 14.81
CA VAL A 168 -1.93 -11.73 13.67
C VAL A 168 -0.43 -11.57 13.55
N LEU A 169 0.27 -12.70 13.43
CA LEU A 169 1.69 -12.71 13.17
C LEU A 169 1.91 -13.18 11.75
N GLU A 170 2.69 -12.44 10.99
CA GLU A 170 3.02 -12.86 9.64
C GLU A 170 4.49 -12.64 9.44
N SER A 171 5.18 -13.68 9.01
CA SER A 171 6.61 -13.63 8.77
C SER A 171 6.83 -14.16 7.36
N TYR A 172 8.03 -13.91 6.85
CA TYR A 172 8.41 -14.46 5.54
C TYR A 172 9.91 -14.66 5.51
N VAL A 173 10.36 -15.51 4.57
CA VAL A 173 11.74 -15.55 4.13
C VAL A 173 11.74 -15.47 2.60
N VAL A 174 12.76 -14.86 2.01
CA VAL A 174 12.81 -14.64 0.57
C VAL A 174 14.26 -14.50 0.12
N ASP A 175 14.52 -14.81 -1.15
CA ASP A 175 15.85 -14.61 -1.72
C ASP A 175 16.05 -13.13 -1.97
N VAL A 176 17.26 -12.64 -1.72
CA VAL A 176 17.63 -11.26 -2.08
C VAL A 176 18.19 -11.31 -3.48
N PRO A 177 17.54 -10.67 -4.46
CA PRO A 177 18.06 -10.69 -5.84
C PRO A 177 19.44 -10.08 -5.94
N GLU A 178 20.22 -10.57 -6.89
CA GLU A 178 21.54 -9.97 -7.10
C GLU A 178 21.35 -8.52 -7.53
N GLY A 179 22.11 -7.63 -6.90
CA GLY A 179 21.95 -6.22 -7.13
C GLY A 179 20.99 -5.57 -6.17
N ASN A 180 20.32 -6.34 -5.31
CA ASN A 180 19.50 -5.82 -4.24
C ASN A 180 20.30 -5.91 -2.96
N THR A 181 19.98 -5.05 -1.99
CA THR A 181 20.49 -5.17 -0.64
C THR A 181 19.46 -5.87 0.22
N GLU A 182 19.91 -6.43 1.34
CA GLU A 182 18.97 -7.11 2.21
C GLU A 182 17.96 -6.11 2.77
N GLU A 183 18.43 -4.95 3.24
CA GLU A 183 17.52 -3.92 3.74
C GLU A 183 16.49 -3.50 2.70
N ASP A 184 16.91 -3.32 1.45
CA ASP A 184 15.97 -2.88 0.42
C ASP A 184 14.89 -3.92 0.16
N THR A 185 15.31 -5.19 0.09
CA THR A 185 14.37 -6.25 -0.14
C THR A 185 13.40 -6.35 1.01
N ARG A 186 13.94 -6.33 2.22
CA ARG A 186 13.13 -6.43 3.42
C ARG A 186 12.15 -5.28 3.53
N LEU A 187 12.61 -4.05 3.25
CA LEU A 187 11.73 -2.87 3.32
C LEU A 187 10.54 -3.00 2.39
N PHE A 188 10.77 -3.52 1.18
CA PHE A 188 9.67 -3.68 0.25
C PHE A 188 8.68 -4.71 0.77
N ALA A 189 9.18 -5.90 1.11
CA ALA A 189 8.30 -6.96 1.60
C ALA A 189 7.59 -6.56 2.88
N ASP A 190 8.28 -5.89 3.79
CA ASP A 190 7.65 -5.40 5.01
C ASP A 190 6.53 -4.42 4.70
N THR A 191 6.74 -3.55 3.72
CA THR A 191 5.71 -2.58 3.41
C THR A 191 4.47 -3.26 2.92
N VAL A 192 4.63 -4.25 2.04
CA VAL A 192 3.45 -4.94 1.52
C VAL A 192 2.69 -5.63 2.63
N VAL A 193 3.38 -6.41 3.45
CA VAL A 193 2.70 -7.14 4.50
C VAL A 193 2.00 -6.17 5.46
N LYS A 194 2.67 -5.09 5.84
CA LYS A 194 2.04 -4.13 6.76
C LYS A 194 0.75 -3.58 6.15
N LEU A 195 0.78 -3.20 4.87
CA LEU A 195 -0.40 -2.64 4.22
C LEU A 195 -1.52 -3.67 4.10
N ASN A 196 -1.18 -4.92 3.81
CA ASN A 196 -2.20 -5.95 3.75
C ASN A 196 -2.80 -6.18 5.13
N LEU A 197 -1.96 -6.14 6.17
CA LEU A 197 -2.46 -6.30 7.52
C LEU A 197 -3.40 -5.18 7.92
N GLN A 198 -3.18 -3.95 7.44
CA GLN A 198 -4.14 -2.88 7.69
C GLN A 198 -5.48 -3.18 7.03
N LYS A 199 -5.43 -3.74 5.82
CA LYS A 199 -6.67 -4.12 5.15
C LYS A 199 -7.39 -5.21 5.90
N LEU A 200 -6.63 -6.17 6.45
CA LEU A 200 -7.24 -7.23 7.24
C LEU A 200 -8.04 -6.64 8.40
N VAL A 201 -7.48 -5.59 9.04
CA VAL A 201 -8.20 -4.90 10.10
C VAL A 201 -9.57 -4.42 9.59
N SER A 202 -9.59 -3.78 8.43
CA SER A 202 -10.86 -3.26 7.90
C SER A 202 -11.88 -4.36 7.66
N VAL A 203 -11.43 -5.49 7.15
CA VAL A 203 -12.32 -6.58 6.77
C VAL A 203 -12.82 -7.31 8.02
N ALA A 204 -11.98 -7.42 9.01
CA ALA A 204 -12.32 -8.19 10.20
C ALA A 204 -13.32 -7.44 11.05
N GLU A 205 -13.26 -6.12 11.07
CA GLU A 205 -14.16 -5.33 11.90
C GLU A 205 -15.52 -5.22 11.21
N SER A 206 -16.22 -6.37 11.18
CA SER A 206 -17.60 -6.57 10.71
C SER A 206 -17.94 -8.07 10.55
N PRO B 21 -8.71 13.86 -28.77
CA PRO B 21 -7.91 14.57 -27.77
C PRO B 21 -8.67 15.72 -27.08
N THR B 22 -9.39 15.41 -26.00
CA THR B 22 -10.20 16.38 -25.26
C THR B 22 -9.63 16.59 -23.86
N TYR B 23 -10.52 16.89 -22.90
CA TYR B 23 -10.21 17.19 -21.52
C TYR B 23 -11.03 16.34 -20.57
N THR B 24 -10.51 16.19 -19.35
CA THR B 24 -11.18 15.44 -18.32
C THR B 24 -12.39 16.21 -17.79
N THR B 25 -13.32 15.47 -17.22
CA THR B 25 -14.57 16.05 -16.70
C THR B 25 -14.88 15.53 -15.32
N HIS B 26 -13.89 15.56 -14.44
CA HIS B 26 -14.04 14.98 -13.12
C HIS B 26 -15.07 15.74 -12.32
N HIS B 27 -15.48 16.92 -12.76
CA HIS B 27 -16.54 17.59 -12.05
C HIS B 27 -17.88 16.90 -12.26
N LEU B 28 -17.99 15.93 -13.16
CA LEU B 28 -19.30 15.36 -13.37
C LEU B 28 -19.61 14.12 -12.53
N ALA B 29 -18.64 13.54 -11.82
CA ALA B 29 -18.87 12.31 -11.07
C ALA B 29 -18.32 12.43 -9.66
N ILE B 30 -19.18 12.25 -8.66
CA ILE B 30 -18.76 12.33 -7.27
C ILE B 30 -17.80 11.20 -6.93
N PRO B 31 -16.59 11.51 -6.46
CA PRO B 31 -15.69 10.44 -6.00
C PRO B 31 -16.18 9.86 -4.69
N SER B 32 -15.77 8.63 -4.41
CA SER B 32 -16.10 8.00 -3.12
C SER B 32 -15.50 8.80 -1.97
N GLY B 33 -16.21 8.81 -0.86
CA GLY B 33 -15.71 9.46 0.32
C GLY B 33 -16.21 10.88 0.49
N VAL B 34 -17.06 11.34 -0.41
CA VAL B 34 -17.66 12.65 -0.30
C VAL B 34 -19.17 12.65 -0.45
N THR B 35 -19.81 13.56 0.28
CA THR B 35 -21.25 13.71 0.15
C THR B 35 -21.56 14.57 -1.04
N GLN B 36 -22.81 14.48 -1.51
CA GLN B 36 -23.20 15.32 -2.65
C GLN B 36 -23.05 16.78 -2.30
N ASP B 37 -23.46 17.17 -1.09
CA ASP B 37 -23.40 18.57 -0.68
C ASP B 37 -21.95 19.00 -0.47
N GLU B 38 -21.08 18.11 0.05
CA GLU B 38 -19.64 18.41 0.09
C GLU B 38 -19.10 18.59 -1.32
N PHE B 39 -19.41 17.66 -2.23
CA PHE B 39 -18.88 17.75 -3.57
C PHE B 39 -19.32 19.00 -4.30
N ASP B 40 -20.55 19.42 -4.06
CA ASP B 40 -21.03 20.60 -4.75
C ASP B 40 -20.12 21.80 -4.47
N GLU B 41 -19.58 21.89 -3.26
CA GLU B 41 -18.67 22.97 -2.89
C GLU B 41 -17.30 22.85 -3.58
N LEU B 42 -16.93 21.65 -4.07
CA LEU B 42 -15.61 21.42 -4.65
C LEU B 42 -15.59 21.46 -6.17
N LYS B 43 -16.76 21.45 -6.83
CA LYS B 43 -16.77 21.41 -8.29
C LYS B 43 -15.94 22.55 -8.90
N GLN B 44 -16.01 23.75 -8.32
CA GLN B 44 -15.22 24.84 -8.87
C GLN B 44 -13.73 24.51 -8.79
N SER B 45 -13.27 23.91 -7.69
CA SER B 45 -11.85 23.52 -7.59
C SER B 45 -11.48 22.42 -8.54
N VAL B 46 -12.41 21.48 -8.79
CA VAL B 46 -12.12 20.39 -9.71
C VAL B 46 -11.92 20.94 -11.10
N VAL B 47 -12.83 21.83 -11.51
CA VAL B 47 -12.69 22.51 -12.80
C VAL B 47 -11.42 23.34 -12.85
N GLU B 48 -11.12 24.07 -11.79
CA GLU B 48 -9.99 24.99 -11.85
C GLU B 48 -8.66 24.25 -11.80
N PHE B 49 -8.54 23.19 -10.99
CA PHE B 49 -7.23 22.56 -10.78
C PHE B 49 -7.13 21.10 -11.18
N HIS B 50 -8.24 20.37 -11.35
CA HIS B 50 -8.21 18.93 -11.59
C HIS B 50 -8.72 18.54 -12.98
N THR B 51 -8.41 19.35 -13.99
CA THR B 51 -8.73 19.12 -15.38
C THR B 51 -7.45 18.91 -16.18
N TYR B 52 -7.40 17.84 -16.95
CA TYR B 52 -6.25 17.47 -17.77
C TYR B 52 -6.62 17.36 -19.25
N GLN B 53 -5.65 17.56 -20.15
CA GLN B 53 -5.84 17.07 -21.52
C GLN B 53 -5.65 15.57 -21.56
N LEU B 54 -6.44 14.91 -22.39
CA LEU B 54 -6.46 13.47 -22.49
C LEU B 54 -6.26 13.11 -23.94
N SER B 55 -5.17 12.42 -24.22
CA SER B 55 -4.96 11.81 -25.52
C SER B 55 -5.54 10.43 -25.52
N GLN B 56 -5.57 9.81 -26.70
CA GLN B 56 -6.19 8.51 -26.79
C GLN B 56 -5.44 7.45 -25.99
N ASN B 57 -4.15 7.64 -25.73
CA ASN B 57 -3.36 6.67 -24.99
C ASN B 57 -3.21 6.98 -23.51
N GLN B 58 -4.03 7.89 -22.96
CA GLN B 58 -3.94 8.31 -21.57
C GLN B 58 -5.19 8.00 -20.79
N CYS B 59 -5.01 7.95 -19.47
CA CYS B 59 -6.12 7.87 -18.52
C CYS B 59 -5.87 8.78 -17.30
N SER B 60 -6.97 9.07 -16.61
CA SER B 60 -6.98 10.00 -15.51
C SER B 60 -8.08 9.57 -14.55
N SER B 61 -7.86 9.87 -13.26
CA SER B 61 -8.78 9.49 -12.20
C SER B 61 -8.75 10.61 -11.15
N LEU B 62 -9.84 10.78 -10.41
CA LEU B 62 -9.89 11.74 -9.29
C LEU B 62 -10.28 11.09 -7.97
N LEU B 63 -9.44 11.25 -6.95
CA LEU B 63 -9.73 10.69 -5.64
C LEU B 63 -9.87 11.75 -4.58
N ALA B 64 -10.59 11.38 -3.51
CA ALA B 64 -10.88 12.22 -2.38
C ALA B 64 -10.62 11.41 -1.13
N GLN B 65 -10.29 12.12 -0.05
CA GLN B 65 -10.05 11.50 1.25
C GLN B 65 -10.37 12.50 2.32
N ARG B 66 -11.30 12.10 3.21
CA ARG B 66 -11.66 12.88 4.38
C ARG B 66 -10.67 12.67 5.52
N ILE B 67 -10.30 13.76 6.21
CA ILE B 67 -9.30 13.76 7.26
C ILE B 67 -9.82 14.58 8.44
N ARG B 68 -9.84 14.00 9.64
CA ARG B 68 -10.29 14.76 10.80
C ARG B 68 -9.12 15.59 11.34
N ALA B 69 -8.79 16.68 10.63
CA ALA B 69 -7.69 17.55 11.02
C ALA B 69 -7.88 18.89 10.33
N PRO B 70 -7.34 19.96 10.89
CA PRO B 70 -7.43 21.27 10.24
C PRO B 70 -6.79 21.27 8.85
N ASN B 71 -7.42 22.00 7.93
CA ASN B 71 -6.89 22.02 6.58
C ASN B 71 -5.50 22.65 6.56
N ASP B 72 -5.24 23.61 7.47
CA ASP B 72 -3.91 24.20 7.57
C ASP B 72 -2.87 23.16 7.99
N VAL B 73 -3.24 22.20 8.85
CA VAL B 73 -2.31 21.14 9.22
C VAL B 73 -2.05 20.20 8.06
N VAL B 74 -3.11 19.76 7.39
CA VAL B 74 -2.92 18.89 6.23
C VAL B 74 -2.12 19.61 5.17
N TRP B 75 -2.45 20.89 4.92
CA TRP B 75 -1.72 21.62 3.89
C TRP B 75 -0.24 21.66 4.22
N SER B 76 0.12 21.83 5.49
CA SER B 76 1.54 21.91 5.82
C SER B 76 2.29 20.61 5.52
N ILE B 77 1.60 19.47 5.54
CA ILE B 77 2.28 18.21 5.19
C ILE B 77 2.43 18.05 3.67
N VAL B 78 1.35 18.24 2.90
CA VAL B 78 1.36 17.93 1.47
C VAL B 78 2.09 18.98 0.66
N ARG B 79 2.34 20.13 1.26
CA ARG B 79 3.08 21.22 0.66
C ARG B 79 4.54 20.96 0.52
N ARG B 80 5.09 20.07 1.33
CA ARG B 80 6.53 19.82 1.45
C ARG B 80 7.05 19.06 0.24
N PHE B 81 7.32 19.78 -0.85
CA PHE B 81 7.72 19.15 -2.09
C PHE B 81 9.01 18.37 -1.93
N ASP B 82 9.85 18.79 -1.02
CA ASP B 82 11.10 18.08 -0.86
C ASP B 82 10.96 16.83 0.00
N GLN B 83 9.84 16.61 0.64
CA GLN B 83 9.71 15.46 1.54
C GLN B 83 8.45 14.62 1.34
N PRO B 84 8.28 14.01 0.16
CA PRO B 84 7.08 13.19 -0.05
C PRO B 84 7.05 11.93 0.80
N GLN B 85 8.19 11.42 1.24
CA GLN B 85 8.16 10.17 2.00
C GLN B 85 7.43 10.33 3.34
N THR B 86 7.28 11.57 3.81
CA THR B 86 6.55 11.75 5.06
C THR B 86 5.10 11.37 4.91
N TYR B 87 4.52 11.52 3.71
CA TYR B 87 3.12 11.18 3.52
C TYR B 87 2.84 10.19 2.40
N LYS B 88 3.88 9.57 1.82
CA LYS B 88 3.74 8.53 0.80
C LYS B 88 4.52 7.30 1.22
N HIS B 89 4.02 6.12 0.83
CA HIS B 89 4.70 4.85 1.02
C HIS B 89 5.67 4.60 -0.12
N PHE B 90 6.50 3.57 0.05
CA PHE B 90 7.37 3.06 -1.00
C PHE B 90 8.39 4.08 -1.47
N ILE B 91 8.79 5.01 -0.62
CA ILE B 91 9.86 5.94 -0.98
C ILE B 91 11.01 5.76 -0.01
N LYS B 92 12.16 5.34 -0.54
CA LYS B 92 13.31 5.13 0.33
C LYS B 92 13.94 6.46 0.73
N SER B 93 14.16 7.36 -0.24
CA SER B 93 14.77 8.64 0.05
C SER B 93 14.41 9.66 -1.03
N CYS B 94 14.64 10.93 -0.74
CA CYS B 94 14.36 12.01 -1.67
C CYS B 94 15.43 13.07 -1.57
N SER B 95 16.10 13.36 -2.68
CA SER B 95 17.11 14.40 -2.69
C SER B 95 16.72 15.53 -3.63
N VAL B 96 17.12 16.76 -3.26
CA VAL B 96 17.02 17.94 -4.10
C VAL B 96 18.39 18.64 -4.18
N SER B 97 18.51 19.54 -5.15
CA SER B 97 19.78 20.24 -5.38
C SER B 97 20.07 21.20 -4.24
N ASP B 98 21.33 21.59 -4.12
CA ASP B 98 21.78 22.56 -3.12
C ASP B 98 21.18 23.96 -3.28
N ASN B 99 20.59 24.31 -4.41
CA ASN B 99 19.99 25.63 -4.54
C ASN B 99 18.47 25.55 -4.58
N PHE B 100 17.91 24.47 -4.04
CA PHE B 100 16.47 24.25 -4.10
C PHE B 100 15.67 25.37 -3.43
N THR B 101 14.64 25.87 -4.13
CA THR B 101 13.64 26.77 -3.58
C THR B 101 12.27 26.09 -3.74
N MET B 102 11.36 26.31 -2.81
CA MET B 102 10.03 25.70 -2.91
C MET B 102 9.28 26.55 -3.93
N ALA B 103 9.52 26.28 -5.20
CA ALA B 103 8.96 27.15 -6.22
C ALA B 103 8.67 26.36 -7.48
N VAL B 104 7.63 26.79 -8.20
CA VAL B 104 7.28 26.14 -9.47
C VAL B 104 8.54 26.02 -10.33
N GLY B 105 8.75 24.85 -10.90
CA GLY B 105 9.92 24.57 -11.68
C GLY B 105 10.98 23.81 -10.94
N SER B 106 10.93 23.80 -9.60
CA SER B 106 11.93 23.00 -8.89
C SER B 106 11.69 21.52 -9.14
N THR B 107 12.74 20.73 -8.97
CA THR B 107 12.58 19.29 -9.19
C THR B 107 13.11 18.55 -7.96
N ARG B 108 12.81 17.24 -7.90
CA ARG B 108 13.30 16.32 -6.86
C ARG B 108 13.61 14.95 -7.47
N ASP B 109 14.53 14.20 -6.84
CA ASP B 109 14.88 12.83 -7.23
C ASP B 109 14.35 11.84 -6.20
N VAL B 110 13.36 11.04 -6.57
CA VAL B 110 12.73 10.13 -5.62
C VAL B 110 13.29 8.73 -5.82
N ASN B 111 13.82 8.13 -4.75
CA ASN B 111 14.31 6.74 -4.78
C ASN B 111 13.24 5.80 -4.25
N VAL B 112 12.68 5.00 -5.15
CA VAL B 112 11.47 4.22 -4.89
C VAL B 112 11.82 2.83 -4.38
N ILE B 113 10.98 2.32 -3.47
CA ILE B 113 11.13 1.00 -2.87
C ILE B 113 10.36 0.06 -3.76
N SER B 114 11.06 -0.80 -4.47
CA SER B 114 10.37 -1.69 -5.39
C SER B 114 10.90 -3.10 -5.52
N GLY B 115 12.05 -3.43 -4.96
CA GLY B 115 12.65 -4.72 -5.24
C GLY B 115 13.36 -4.72 -6.60
N LEU B 116 14.05 -3.62 -6.95
CA LEU B 116 14.77 -3.58 -8.22
C LEU B 116 16.27 -3.21 -8.21
N PRO B 117 16.77 -2.41 -7.23
CA PRO B 117 16.20 -1.68 -6.10
C PRO B 117 16.30 -0.20 -6.36
N ALA B 118 16.29 0.58 -5.27
CA ALA B 118 16.51 2.02 -5.28
C ALA B 118 16.29 2.65 -6.66
N ALA B 119 15.06 2.54 -7.20
CA ALA B 119 14.68 3.09 -8.49
C ALA B 119 14.48 4.60 -8.40
N THR B 120 14.37 5.27 -9.54
CA THR B 120 14.32 6.73 -9.50
C THR B 120 13.46 7.32 -10.59
N SER B 121 12.60 8.24 -10.17
CA SER B 121 11.73 9.02 -11.03
C SER B 121 11.98 10.47 -10.63
N THR B 122 12.42 11.28 -11.58
CA THR B 122 12.62 12.70 -11.37
C THR B 122 11.32 13.47 -11.63
N GLU B 123 10.91 14.29 -10.66
CA GLU B 123 9.61 14.96 -10.65
C GLU B 123 9.75 16.50 -10.59
N ARG B 124 8.87 17.22 -11.31
CA ARG B 124 8.91 18.68 -11.34
C ARG B 124 7.68 19.28 -10.66
N LEU B 125 7.88 20.28 -9.80
CA LEU B 125 6.80 20.98 -9.12
C LEU B 125 6.06 21.90 -10.09
N ASP B 126 4.77 21.68 -10.27
CA ASP B 126 3.98 22.41 -11.26
C ASP B 126 3.16 23.55 -10.65
N ILE B 127 2.63 23.36 -9.44
CA ILE B 127 1.76 24.32 -8.79
C ILE B 127 2.14 24.35 -7.32
N LEU B 128 2.25 25.55 -6.75
CA LEU B 128 2.43 25.67 -5.30
C LEU B 128 1.71 26.97 -4.91
N ASP B 129 0.44 26.84 -4.58
CA ASP B 129 -0.47 27.97 -4.37
C ASP B 129 -0.90 27.99 -2.90
N ASP B 130 -0.28 28.85 -2.08
CA ASP B 130 -0.57 28.89 -0.65
C ASP B 130 -1.90 29.55 -0.30
N ASP B 131 -2.46 30.37 -1.17
CA ASP B 131 -3.77 30.94 -0.84
C ASP B 131 -4.85 29.88 -1.00
N ARG B 132 -4.73 29.09 -2.08
CA ARG B 132 -5.73 28.08 -2.36
C ARG B 132 -5.35 26.70 -1.86
N GLN B 133 -4.13 26.51 -1.36
CA GLN B 133 -3.69 25.20 -0.89
C GLN B 133 -3.84 24.11 -1.96
N VAL B 134 -3.14 24.33 -3.07
CA VAL B 134 -3.08 23.41 -4.19
C VAL B 134 -1.60 23.23 -4.47
N THR B 135 -1.19 21.99 -4.70
CA THR B 135 0.18 21.73 -5.09
C THR B 135 0.09 20.73 -6.22
N GLY B 136 1.13 20.61 -7.03
CA GLY B 136 1.07 19.58 -8.07
C GLY B 136 2.41 19.34 -8.73
N PHE B 137 2.55 18.18 -9.35
CA PHE B 137 3.83 17.86 -9.97
C PHE B 137 3.61 17.01 -11.22
N SER B 138 4.65 16.96 -12.06
CA SER B 138 4.69 16.11 -13.22
C SER B 138 6.00 15.35 -13.18
N ILE B 139 5.95 14.09 -13.63
CA ILE B 139 7.13 13.25 -13.72
C ILE B 139 7.85 13.48 -15.04
N ILE B 140 9.10 13.94 -14.96
CA ILE B 140 9.85 14.35 -16.14
C ILE B 140 10.97 13.40 -16.51
N GLY B 141 11.36 12.48 -15.66
CA GLY B 141 12.32 11.49 -16.06
C GLY B 141 12.24 10.32 -15.12
N GLY B 142 12.55 9.15 -15.63
CA GLY B 142 12.72 8.03 -14.74
C GLY B 142 12.74 6.73 -15.53
N GLU B 143 12.91 5.66 -14.79
CA GLU B 143 12.91 4.33 -15.36
C GLU B 143 11.66 3.58 -14.86
N HIS B 144 10.56 3.65 -15.63
CA HIS B 144 9.27 3.10 -15.18
C HIS B 144 8.23 3.12 -16.30
N ARG B 145 7.00 2.70 -15.94
CA ARG B 145 5.86 2.64 -16.85
C ARG B 145 4.74 3.62 -16.52
N LEU B 146 5.06 4.70 -15.83
CA LEU B 146 4.08 5.72 -15.55
C LEU B 146 4.59 6.92 -16.34
N ARG B 147 4.59 6.78 -17.66
CA ARG B 147 5.11 7.86 -18.48
C ARG B 147 4.16 9.03 -18.51
N ASN B 148 4.74 10.22 -18.40
CA ASN B 148 3.99 11.48 -18.43
C ASN B 148 2.95 11.57 -17.33
N TYR B 149 3.23 10.98 -16.18
CA TYR B 149 2.41 11.16 -15.00
C TYR B 149 2.41 12.61 -14.54
N ARG B 150 1.23 13.16 -14.30
CA ARG B 150 1.05 14.51 -13.76
C ARG B 150 0.00 14.47 -12.66
N SER B 151 0.24 15.12 -11.52
CA SER B 151 -0.65 14.96 -10.39
C SER B 151 -0.92 16.29 -9.69
N VAL B 152 -2.12 16.41 -9.13
CA VAL B 152 -2.49 17.61 -8.40
C VAL B 152 -3.17 17.21 -7.10
N THR B 153 -2.82 17.86 -5.98
CA THR B 153 -3.47 17.66 -4.69
C THR B 153 -4.02 18.99 -4.20
N SER B 154 -5.31 19.00 -3.79
CA SER B 154 -5.87 20.24 -3.28
C SER B 154 -6.50 19.95 -1.93
N VAL B 155 -6.45 20.95 -1.06
CA VAL B 155 -6.88 20.82 0.33
C VAL B 155 -8.08 21.73 0.60
N HIS B 156 -9.04 21.17 1.32
CA HIS B 156 -10.35 21.79 1.51
C HIS B 156 -10.82 21.62 2.96
N GLY B 157 -11.02 22.74 3.64
CA GLY B 157 -11.50 22.77 5.01
C GLY B 157 -13.01 22.96 5.05
N PHE B 158 -13.66 22.23 5.94
CA PHE B 158 -15.09 22.26 6.15
C PHE B 158 -15.37 22.39 7.64
N ASN B 159 -16.31 23.26 8.05
CA ASN B 159 -16.62 23.34 9.49
C ASN B 159 -17.59 22.21 9.76
N ARG B 160 -17.23 21.27 10.61
CA ARG B 160 -18.13 20.15 10.89
C ARG B 160 -18.32 20.10 12.39
N ASP B 161 -19.54 20.41 12.83
CA ASP B 161 -19.92 20.41 14.24
C ASP B 161 -18.83 21.04 15.08
N GLY B 162 -18.42 22.25 14.69
CA GLY B 162 -17.46 22.95 15.50
C GLY B 162 -16.02 22.54 15.29
N ALA B 163 -15.73 21.58 14.42
CA ALA B 163 -14.32 21.24 14.22
C ALA B 163 -14.04 21.31 12.74
N ILE B 164 -12.78 21.58 12.40
CA ILE B 164 -12.38 21.55 10.99
C ILE B 164 -12.12 20.14 10.53
N CYS B 165 -12.79 19.78 9.45
CA CYS B 165 -12.62 18.57 8.69
C CYS B 165 -12.04 18.89 7.30
N THR B 166 -11.00 18.16 6.89
CA THR B 166 -10.34 18.41 5.62
C THR B 166 -10.71 17.32 4.63
N VAL B 167 -11.00 17.71 3.38
CA VAL B 167 -11.10 16.79 2.26
C VAL B 167 -9.89 17.06 1.38
N VAL B 168 -9.15 16.04 1.05
CA VAL B 168 -8.05 16.18 0.11
C VAL B 168 -8.55 15.64 -1.22
N LEU B 169 -8.33 16.38 -2.29
CA LEU B 169 -8.64 15.84 -3.60
C LEU B 169 -7.30 15.58 -4.25
N GLU B 170 -7.13 14.38 -4.83
CA GLU B 170 -5.89 14.08 -5.53
C GLU B 170 -6.23 13.45 -6.88
N SER B 171 -5.71 14.02 -7.95
CA SER B 171 -5.99 13.51 -9.29
C SER B 171 -4.68 13.31 -10.05
N TYR B 172 -4.76 12.57 -11.13
CA TYR B 172 -3.61 12.38 -12.00
C TYR B 172 -4.04 12.13 -13.44
N VAL B 173 -3.11 12.32 -14.35
CA VAL B 173 -3.21 11.78 -15.72
C VAL B 173 -1.94 11.03 -16.01
N VAL B 174 -2.05 9.96 -16.81
CA VAL B 174 -0.90 9.12 -17.11
C VAL B 174 -1.14 8.41 -18.44
N ASP B 175 -0.04 8.05 -19.09
CA ASP B 175 -0.07 7.25 -20.32
C ASP B 175 -0.34 5.79 -19.97
N VAL B 176 -1.12 5.12 -20.82
CA VAL B 176 -1.32 3.67 -20.70
C VAL B 176 -0.24 2.96 -21.53
N PRO B 177 0.64 2.19 -20.90
CA PRO B 177 1.72 1.51 -21.64
C PRO B 177 1.14 0.54 -22.65
N GLU B 178 1.88 0.34 -23.74
CA GLU B 178 1.41 -0.65 -24.71
C GLU B 178 1.39 -2.02 -24.05
N GLY B 179 0.29 -2.73 -24.26
CA GLY B 179 0.01 -4.01 -23.65
C GLY B 179 -0.75 -3.94 -22.35
N ASN B 180 -1.01 -2.74 -21.84
CA ASN B 180 -1.85 -2.58 -20.66
C ASN B 180 -3.24 -2.18 -21.10
N THR B 181 -4.23 -2.50 -20.25
CA THR B 181 -5.56 -1.97 -20.45
C THR B 181 -5.73 -0.75 -19.56
N GLU B 182 -6.68 0.10 -19.92
CA GLU B 182 -6.88 1.29 -19.10
C GLU B 182 -7.32 0.93 -17.70
N GLU B 183 -8.28 0.00 -17.55
CA GLU B 183 -8.68 -0.38 -16.21
C GLU B 183 -7.48 -0.83 -15.39
N ASP B 184 -6.58 -1.61 -16.00
CA ASP B 184 -5.46 -2.14 -15.23
C ASP B 184 -4.53 -1.04 -14.73
N THR B 185 -4.24 -0.07 -15.60
CA THR B 185 -3.38 1.05 -15.20
C THR B 185 -4.05 1.90 -14.14
N ARG B 186 -5.31 2.23 -14.37
CA ARG B 186 -6.05 3.06 -13.46
C ARG B 186 -6.14 2.35 -12.12
N LEU B 187 -6.39 1.06 -12.15
CA LEU B 187 -6.47 0.27 -10.92
C LEU B 187 -5.18 0.36 -10.11
N PHE B 188 -4.04 0.26 -10.77
CA PHE B 188 -2.78 0.35 -10.06
C PHE B 188 -2.58 1.74 -9.48
N ALA B 189 -2.68 2.76 -10.33
CA ALA B 189 -2.46 4.13 -9.89
C ALA B 189 -3.47 4.49 -8.81
N ASP B 190 -4.73 4.07 -8.96
CA ASP B 190 -5.72 4.31 -7.91
C ASP B 190 -5.32 3.63 -6.62
N THR B 191 -4.77 2.42 -6.70
CA THR B 191 -4.37 1.74 -5.47
C THR B 191 -3.26 2.49 -4.75
N VAL B 192 -2.26 2.95 -5.49
CA VAL B 192 -1.17 3.68 -4.87
C VAL B 192 -1.65 4.98 -4.23
N VAL B 193 -2.41 5.79 -4.98
CA VAL B 193 -2.82 7.07 -4.44
C VAL B 193 -3.67 6.89 -3.20
N LYS B 194 -4.61 5.95 -3.23
CA LYS B 194 -5.46 5.73 -2.06
C LYS B 194 -4.62 5.37 -0.85
N LEU B 195 -3.65 4.47 -1.04
CA LEU B 195 -2.82 4.07 0.08
C LEU B 195 -1.97 5.25 0.60
N ASN B 196 -1.46 6.10 -0.30
CA ASN B 196 -0.71 7.25 0.16
C ASN B 196 -1.61 8.17 0.96
N LEU B 197 -2.85 8.35 0.50
CA LEU B 197 -3.81 9.17 1.25
C LEU B 197 -4.15 8.58 2.60
N GLN B 198 -4.20 7.22 2.76
CA GLN B 198 -4.38 6.69 4.10
C GLN B 198 -3.20 7.03 5.00
N LYS B 199 -1.97 6.98 4.47
CA LYS B 199 -0.85 7.37 5.30
C LYS B 199 -0.96 8.85 5.66
N LEU B 200 -1.40 9.67 4.71
CA LEU B 200 -1.60 11.07 5.03
C LEU B 200 -2.56 11.23 6.19
N VAL B 201 -3.65 10.44 6.21
CA VAL B 201 -4.57 10.51 7.34
C VAL B 201 -3.84 10.25 8.66
N SER B 202 -3.01 9.20 8.72
CA SER B 202 -2.33 8.89 9.97
C SER B 202 -1.44 10.02 10.40
N VAL B 203 -0.75 10.64 9.47
CA VAL B 203 0.22 11.66 9.86
C VAL B 203 -0.54 12.91 10.30
N ALA B 204 -1.63 13.22 9.63
CA ALA B 204 -2.32 14.44 9.98
C ALA B 204 -3.10 14.28 11.27
N GLU B 205 -3.66 13.10 11.51
CA GLU B 205 -4.45 12.93 12.73
C GLU B 205 -3.63 12.64 13.98
N SER B 206 -2.33 12.38 13.85
CA SER B 206 -1.51 12.15 15.05
C SER B 206 -1.50 13.36 15.98
C1 A8S C . 2.05 -11.28 0.21
C2 A8S C . 3.37 -10.59 0.25
C3 A8S C . 4.02 -10.03 -0.79
C4 A8S C . 3.50 -10.09 -2.16
C5 A8S C . 4.29 -9.88 -3.22
C6 A8S C . 5.36 -9.40 -0.56
C7 A8S C . 3.65 -10.00 -4.59
O7 A8S C . 2.38 -10.66 -4.53
C8 A8S C . 3.39 -8.59 -5.05
C9 A8S C . 4.12 -8.03 -6.05
C10 A8S C . 5.39 -8.65 -6.54
O10 A8S C . 6.07 -8.06 -7.36
C11 A8S C . 5.75 -10.05 -6.07
O11 A8S C . 1.52 -11.62 1.31
C12 A8S C . 4.55 -10.84 -5.54
O12 A8S C . 1.45 -11.47 -0.87
C13 A8S C . 2.28 -7.83 -4.38
C14 A8S C . 3.74 -11.43 -6.70
C15 A8S C . 5.18 -11.95 -4.73
C1 A8S D . 2.51 9.36 -6.37
C2 A8S D . 1.70 8.41 -7.19
C3 A8S D . 2.11 7.22 -7.73
C4 A8S D . 3.50 6.72 -7.54
C5 A8S D . 4.16 6.02 -8.47
C6 A8S D . 1.15 6.39 -8.54
C7 A8S D . 5.58 5.57 -8.18
O7 A8S D . 6.18 6.47 -7.22
C8 A8S D . 5.41 4.22 -7.54
C9 A8S D . 5.21 3.16 -8.33
C10 A8S D . 5.71 3.15 -9.72
O10 A8S D . 5.82 2.09 -10.32
C11 A8S D . 6.09 4.43 -10.45
O11 A8S D . 3.71 9.13 -6.16
C12 A8S D . 6.47 5.52 -9.44
O12 A8S D . 1.96 10.41 -5.90
C13 A8S D . 5.45 4.11 -6.04
C14 A8S D . 7.92 5.27 -9.05
C15 A8S D . 6.43 6.86 -10.17
#